data_5NXY
#
_entry.id   5NXY
#
_cell.length_a   38.200
_cell.length_b   117.400
_cell.length_c   68.700
_cell.angle_alpha   90.00
_cell.angle_beta   104.00
_cell.angle_gamma   90.00
#
_symmetry.space_group_name_H-M   'P 1 21 1'
#
loop_
_entity.id
_entity.type
_entity.pdbx_description
1 polymer 'Osmotically activated L-carnitine/choline ABC transporter substrate-binding protein OpuCC'
2 non-polymer 2-(trimethyl-lambda~5~-arsanyl)ethanol
3 non-polymer 1,2-ETHANEDIOL
4 water water
#
_entity_poly.entity_id   1
_entity_poly.type   'polypeptide(L)'
_entity_poly.pdbx_seq_one_letter_code
;CSLPGLSAAADQTIKIGAQSMSESEIIASMQGQLIEHHTDLKTTTIKNLGSNAVQQQALMNGEIDIAATRYTGDALTGTL
RMEPEKDPDKALALTQREFKKRYDLKWYDSYGFDNTYAFTVSKELADQYHLETVSDVKKWAPQLKLGVDNYWMKLKGNGY
QDFTKTYGMTFGGTYPMQIGLVYDAVKSGKMDIVLAYSTDGRIKSYGLKMLKDDKQFFPPYDCSPVVPEKVLKEHPELEG
IIKKMLGKIDTATMQELNYEVDGNLKEPSVVAKEYLEKHRYFES
;
_entity_poly.pdbx_strand_id   A,C
#
loop_
_chem_comp.id
_chem_comp.type
_chem_comp.name
_chem_comp.formula
1Y8 non-polymer 2-(trimethyl-lambda~5~-arsanyl)ethanol 'C5 H14 As O'
EDO non-polymer 1,2-ETHANEDIOL 'C2 H6 O2'
#
# COMPACT_ATOMS: atom_id res chain seq x y z
N GLN A 12 -19.21 5.17 -31.23
CA GLN A 12 -18.44 4.04 -31.72
C GLN A 12 -17.72 4.38 -33.04
N THR A 13 -16.46 3.97 -33.16
CA THR A 13 -15.76 3.25 -32.10
C THR A 13 -15.13 4.23 -31.10
N ILE A 14 -15.27 3.93 -29.81
CA ILE A 14 -14.67 4.76 -28.76
C ILE A 14 -13.16 4.60 -28.74
N LYS A 15 -12.44 5.67 -29.04
CA LYS A 15 -10.98 5.60 -29.10
C LYS A 15 -10.39 6.03 -27.78
N ILE A 16 -9.63 5.13 -27.16
CA ILE A 16 -9.07 5.37 -25.83
C ILE A 16 -7.57 5.56 -25.90
N GLY A 17 -7.10 6.71 -25.44
CA GLY A 17 -5.69 7.06 -25.55
C GLY A 17 -4.79 6.70 -24.37
N ALA A 18 -3.61 6.17 -24.69
CA ALA A 18 -2.56 5.86 -23.70
C ALA A 18 -1.18 6.42 -24.07
N GLN A 19 -0.52 7.08 -23.11
CA GLN A 19 0.89 7.45 -23.29
C GLN A 19 1.77 6.26 -23.03
N SER A 20 3.08 6.46 -23.14
N SER A 20 3.08 6.46 -23.15
CA SER A 20 4.02 5.34 -23.06
CA SER A 20 4.03 5.37 -23.06
C SER A 20 4.40 5.05 -21.62
C SER A 20 4.40 5.05 -21.62
N MET A 21 3.43 4.55 -20.87
CA MET A 21 3.65 4.08 -19.51
C MET A 21 2.79 2.80 -19.40
N SER A 22 3.32 1.80 -18.72
CA SER A 22 2.54 0.59 -18.43
C SER A 22 1.17 0.90 -17.85
N GLU A 23 1.11 1.82 -16.88
CA GLU A 23 -0.17 2.05 -16.21
C GLU A 23 -1.17 2.65 -17.17
N SER A 24 -0.68 3.44 -18.10
CA SER A 24 -1.57 4.08 -19.07
C SER A 24 -2.21 3.00 -19.98
N GLU A 25 -1.39 2.04 -20.41
CA GLU A 25 -1.91 0.94 -21.22
C GLU A 25 -2.81 0.01 -20.41
N ILE A 26 -2.46 -0.23 -19.15
CA ILE A 26 -3.30 -1.08 -18.30
C ILE A 26 -4.68 -0.45 -18.11
N ILE A 27 -4.69 0.83 -17.74
CA ILE A 27 -5.93 1.53 -17.44
C ILE A 27 -6.75 1.68 -18.71
N ALA A 28 -6.09 1.96 -19.83
CA ALA A 28 -6.79 2.08 -21.10
C ALA A 28 -7.52 0.78 -21.46
N SER A 29 -6.83 -0.34 -21.29
CA SER A 29 -7.43 -1.65 -21.53
C SER A 29 -8.57 -1.97 -20.58
N MET A 30 -8.40 -1.58 -19.32
CA MET A 30 -9.43 -1.73 -18.31
C MET A 30 -10.73 -1.04 -18.68
N GLN A 31 -10.66 0.25 -18.97
CA GLN A 31 -11.85 1.00 -19.38
C GLN A 31 -12.48 0.41 -20.61
N GLY A 32 -11.65 0.05 -21.59
CA GLY A 32 -12.13 -0.54 -22.82
C GLY A 32 -12.91 -1.82 -22.56
N GLN A 33 -12.29 -2.74 -21.85
CA GLN A 33 -12.92 -4.00 -21.52
C GLN A 33 -14.17 -3.79 -20.66
N LEU A 34 -14.13 -2.79 -19.79
CA LEU A 34 -15.26 -2.48 -18.92
C LEU A 34 -16.43 -1.97 -19.75
N ILE A 35 -16.12 -1.03 -20.65
CA ILE A 35 -17.13 -0.46 -21.54
C ILE A 35 -17.77 -1.56 -22.39
N GLU A 36 -16.92 -2.41 -22.96
CA GLU A 36 -17.41 -3.53 -23.75
C GLU A 36 -18.10 -4.59 -22.89
N HIS A 37 -17.75 -4.71 -21.63
CA HIS A 37 -18.49 -5.67 -20.79
C HIS A 37 -19.92 -5.23 -20.55
N HIS A 38 -20.12 -3.94 -20.33
CA HIS A 38 -21.43 -3.44 -19.88
C HIS A 38 -22.34 -2.83 -20.94
N THR A 39 -21.80 -2.46 -22.11
CA THR A 39 -22.59 -1.75 -23.12
C THR A 39 -22.30 -2.33 -24.48
N ASP A 40 -23.02 -1.93 -25.51
CA ASP A 40 -22.78 -2.43 -26.87
C ASP A 40 -21.76 -1.58 -27.63
N LEU A 41 -21.07 -0.69 -26.93
CA LEU A 41 -20.07 0.15 -27.57
C LEU A 41 -18.79 -0.62 -27.88
N LYS A 42 -18.15 -0.28 -28.99
CA LYS A 42 -16.89 -0.89 -29.36
C LYS A 42 -15.80 0.09 -28.99
N THR A 43 -14.61 -0.42 -28.65
CA THR A 43 -13.50 0.46 -28.27
C THR A 43 -12.21 0.02 -28.93
N THR A 44 -11.28 0.96 -29.10
CA THR A 44 -9.92 0.65 -29.51
C THR A 44 -8.96 1.48 -28.68
N THR A 45 -7.73 1.02 -28.55
CA THR A 45 -6.72 1.75 -27.79
C THR A 45 -5.74 2.41 -28.74
N ILE A 46 -5.48 3.70 -28.53
CA ILE A 46 -4.41 4.38 -29.23
C ILE A 46 -3.19 4.54 -28.32
N LYS A 47 -2.12 3.81 -28.62
CA LYS A 47 -0.98 3.74 -27.73
C LYS A 47 0.15 4.69 -28.13
N ASN A 48 1.16 4.75 -27.26
CA ASN A 48 2.40 5.48 -27.53
C ASN A 48 2.20 6.97 -27.78
N LEU A 49 1.18 7.56 -27.16
CA LEU A 49 1.02 9.00 -27.24
C LEU A 49 2.23 9.67 -26.61
N GLY A 50 2.61 10.82 -27.14
CA GLY A 50 3.85 11.46 -26.73
C GLY A 50 3.76 12.36 -25.52
N SER A 51 4.21 13.60 -25.69
CA SER A 51 4.22 14.58 -24.60
C SER A 51 2.81 15.01 -24.23
N ASN A 52 2.66 15.60 -23.04
CA ASN A 52 1.35 16.02 -22.56
C ASN A 52 0.63 16.96 -23.54
N ALA A 53 1.36 17.92 -24.09
CA ALA A 53 0.81 18.82 -25.09
C ALA A 53 0.24 18.02 -26.27
N VAL A 54 0.98 17.00 -26.70
CA VAL A 54 0.52 16.13 -27.78
C VAL A 54 -0.77 15.41 -27.39
N GLN A 55 -0.79 14.87 -26.17
CA GLN A 55 -1.99 14.20 -25.66
C GLN A 55 -3.17 15.14 -25.58
N GLN A 56 -2.93 16.36 -25.07
CA GLN A 56 -3.98 17.36 -25.00
C GLN A 56 -4.53 17.66 -26.40
N GLN A 57 -3.62 17.82 -27.36
CA GLN A 57 -4.06 18.14 -28.72
C GLN A 57 -4.93 17.04 -29.32
N ALA A 58 -4.58 15.78 -29.05
CA ALA A 58 -5.35 14.64 -29.53
C ALA A 58 -6.77 14.65 -28.99
N LEU A 59 -6.91 15.02 -27.72
CA LEU A 59 -8.22 15.08 -27.07
C LEU A 59 -9.09 16.17 -27.67
N MET A 60 -8.48 17.29 -28.05
CA MET A 60 -9.25 18.43 -28.55
C MET A 60 -9.73 18.27 -30.00
N ASN A 61 -8.95 17.57 -30.82
CA ASN A 61 -9.30 17.41 -32.25
C ASN A 61 -10.07 16.13 -32.61
N GLY A 62 -10.01 15.12 -31.75
CA GLY A 62 -10.74 13.89 -32.00
C GLY A 62 -9.86 12.71 -32.30
N GLU A 63 -8.55 12.85 -32.21
CA GLU A 63 -7.68 11.68 -32.37
C GLU A 63 -8.05 10.61 -31.34
N ILE A 64 -8.40 11.04 -30.13
CA ILE A 64 -8.90 10.12 -29.10
C ILE A 64 -10.19 10.66 -28.47
N ASP A 65 -11.02 9.76 -27.96
CA ASP A 65 -12.30 10.15 -27.35
C ASP A 65 -12.22 10.16 -25.82
N ILE A 66 -11.30 9.36 -25.28
CA ILE A 66 -11.06 9.33 -23.83
C ILE A 66 -9.56 9.31 -23.61
N ALA A 67 -9.08 10.22 -22.77
CA ALA A 67 -7.70 10.10 -22.29
C ALA A 67 -7.74 9.21 -21.06
N ALA A 68 -7.06 8.07 -21.11
CA ALA A 68 -7.15 7.11 -20.00
C ALA A 68 -6.46 7.58 -18.71
N THR A 69 -5.32 8.26 -18.84
CA THR A 69 -4.56 8.68 -17.67
C THR A 69 -3.99 10.11 -17.82
N ARG A 70 -4.58 11.06 -17.09
CA ARG A 70 -4.01 12.41 -16.98
C ARG A 70 -3.74 12.71 -15.51
N TYR A 71 -2.77 13.59 -15.25
CA TYR A 71 -2.29 13.85 -13.88
C TYR A 71 -2.40 15.35 -13.56
N THR A 72 -3.01 15.69 -12.42
CA THR A 72 -3.36 17.08 -12.15
C THR A 72 -2.16 18.01 -12.25
N GLY A 73 -1.03 17.57 -11.71
CA GLY A 73 0.17 18.38 -11.73
C GLY A 73 0.67 18.75 -13.12
N ASP A 74 0.54 17.83 -14.06
CA ASP A 74 0.93 18.09 -15.44
C ASP A 74 -0.03 19.10 -16.08
N ALA A 75 -1.32 18.95 -15.79
CA ALA A 75 -2.34 19.81 -16.38
C ALA A 75 -2.26 21.25 -15.84
N LEU A 76 -2.07 21.38 -14.53
CA LEU A 76 -2.04 22.69 -13.89
C LEU A 76 -0.86 23.54 -14.35
N THR A 77 0.34 22.98 -14.29
CA THR A 77 1.55 23.72 -14.61
C THR A 77 1.83 23.71 -16.12
N GLY A 78 1.42 22.64 -16.79
CA GLY A 78 1.69 22.49 -18.22
C GLY A 78 0.60 23.05 -19.11
N THR A 79 -0.54 22.36 -19.15
CA THR A 79 -1.63 22.77 -20.03
C THR A 79 -2.25 24.09 -19.62
N LEU A 80 -2.55 24.26 -18.34
CA LEU A 80 -3.24 25.46 -17.88
C LEU A 80 -2.31 26.65 -17.64
N ARG A 81 -1.06 26.37 -17.26
CA ARG A 81 -0.08 27.41 -16.90
C ARG A 81 -0.55 28.18 -15.69
N MET A 82 -1.13 27.49 -14.72
CA MET A 82 -1.70 28.18 -13.56
C MET A 82 -0.76 28.40 -12.39
N GLU A 83 -1.20 29.26 -11.48
CA GLU A 83 -0.59 29.43 -10.18
C GLU A 83 -0.42 28.04 -9.55
N PRO A 84 0.80 27.70 -9.11
CA PRO A 84 1.09 26.37 -8.53
C PRO A 84 0.22 26.11 -7.30
N GLU A 85 -0.23 24.86 -7.13
CA GLU A 85 -1.07 24.49 -6.00
C GLU A 85 -0.52 23.23 -5.33
N LYS A 86 -0.22 23.34 -4.03
CA LYS A 86 0.42 22.25 -3.28
C LYS A 86 -0.57 21.20 -2.78
N ASP A 87 -1.80 21.64 -2.48
CA ASP A 87 -2.79 20.73 -1.94
C ASP A 87 -3.50 19.88 -3.01
N PRO A 88 -3.46 18.55 -2.87
CA PRO A 88 -4.03 17.64 -3.89
C PRO A 88 -5.51 17.89 -4.17
N ASP A 89 -6.34 18.09 -3.16
CA ASP A 89 -7.77 18.28 -3.42
C ASP A 89 -8.07 19.62 -4.09
N LYS A 90 -7.34 20.66 -3.71
CA LYS A 90 -7.56 21.98 -4.30
C LYS A 90 -7.04 21.98 -5.75
N ALA A 91 -5.94 21.28 -5.97
CA ALA A 91 -5.37 21.17 -7.31
C ALA A 91 -6.32 20.42 -8.24
N LEU A 92 -6.94 19.37 -7.75
CA LEU A 92 -7.89 18.62 -8.54
C LEU A 92 -9.15 19.43 -8.84
N ALA A 93 -9.68 20.13 -7.83
CA ALA A 93 -10.88 20.92 -8.06
C ALA A 93 -10.66 22.05 -9.07
N LEU A 94 -9.51 22.73 -8.97
CA LEU A 94 -9.16 23.80 -9.88
C LEU A 94 -9.02 23.27 -11.30
N THR A 95 -8.36 22.12 -11.42
CA THR A 95 -8.14 21.46 -12.72
C THR A 95 -9.48 21.09 -13.36
N GLN A 96 -10.40 20.53 -12.58
CA GLN A 96 -11.73 20.18 -13.09
C GLN A 96 -12.52 21.40 -13.57
N ARG A 97 -12.55 22.46 -12.77
N ARG A 97 -12.58 22.44 -12.74
CA ARG A 97 -13.32 23.65 -13.16
CA ARG A 97 -13.26 23.67 -13.12
C ARG A 97 -12.71 24.35 -14.40
C ARG A 97 -12.70 24.23 -14.42
N GLU A 98 -11.39 24.42 -14.47
CA GLU A 98 -10.74 25.07 -15.62
C GLU A 98 -10.84 24.24 -16.90
N PHE A 99 -10.75 22.91 -16.79
CA PHE A 99 -10.95 22.09 -17.99
C PHE A 99 -12.38 22.20 -18.56
N LYS A 100 -13.37 22.31 -17.69
CA LYS A 100 -14.77 22.45 -18.13
C LYS A 100 -14.98 23.82 -18.79
N LYS A 101 -14.49 24.85 -18.13
CA LYS A 101 -14.65 26.23 -18.58
C LYS A 101 -13.86 26.55 -19.87
N ARG A 102 -12.59 26.17 -19.92
CA ARG A 102 -11.75 26.47 -21.08
C ARG A 102 -11.92 25.52 -22.27
N TYR A 103 -12.14 24.23 -22.00
CA TYR A 103 -11.95 23.22 -23.03
C TYR A 103 -13.17 22.34 -23.28
N ASP A 104 -14.22 22.53 -22.49
CA ASP A 104 -15.42 21.68 -22.52
C ASP A 104 -15.05 20.19 -22.28
N LEU A 105 -14.06 19.97 -21.43
CA LEU A 105 -13.62 18.61 -21.07
C LEU A 105 -14.02 18.26 -19.65
N LYS A 106 -14.48 17.03 -19.42
CA LYS A 106 -14.74 16.60 -18.05
C LYS A 106 -13.54 15.85 -17.48
N TRP A 107 -12.87 16.46 -16.51
CA TRP A 107 -11.79 15.78 -15.77
C TRP A 107 -12.44 15.07 -14.60
N TYR A 108 -12.47 13.76 -14.63
CA TYR A 108 -13.19 13.01 -13.60
C TYR A 108 -12.46 13.04 -12.28
N ASP A 109 -13.15 12.66 -11.21
CA ASP A 109 -12.44 12.40 -9.96
C ASP A 109 -11.41 11.29 -10.20
N SER A 110 -10.45 11.19 -9.28
CA SER A 110 -9.32 10.26 -9.42
C SER A 110 -9.66 8.77 -9.33
N TYR A 111 -8.90 7.96 -10.05
CA TYR A 111 -8.97 6.50 -9.88
C TYR A 111 -8.61 6.10 -8.46
N GLY A 112 -7.85 6.94 -7.77
CA GLY A 112 -7.48 6.66 -6.40
C GLY A 112 -5.97 6.69 -6.18
N PHE A 113 -5.22 6.92 -7.25
CA PHE A 113 -3.75 6.93 -7.16
C PHE A 113 -3.07 8.17 -7.70
N ASP A 114 -1.88 8.42 -7.19
CA ASP A 114 -1.01 9.46 -7.75
C ASP A 114 0.30 8.84 -8.21
N ASN A 115 0.85 9.40 -9.27
CA ASN A 115 2.13 8.96 -9.82
C ASN A 115 3.08 10.13 -9.82
N THR A 116 3.91 10.24 -8.80
CA THR A 116 4.82 11.38 -8.73
C THR A 116 6.27 11.03 -9.04
N TYR A 117 6.98 12.03 -9.54
CA TYR A 117 8.44 11.96 -9.56
C TYR A 117 8.81 11.71 -8.12
N ALA A 118 9.80 10.85 -7.91
CA ALA A 118 10.27 10.58 -6.56
C ALA A 118 11.74 10.17 -6.57
N PHE A 119 12.57 10.90 -5.84
CA PHE A 119 13.99 10.58 -5.79
C PHE A 119 14.10 9.26 -5.05
N THR A 120 14.84 8.33 -5.66
CA THR A 120 14.84 6.94 -5.22
C THR A 120 16.26 6.34 -5.16
N VAL A 121 16.51 5.62 -4.07
CA VAL A 121 17.81 4.96 -3.82
C VAL A 121 17.60 3.53 -3.35
N SER A 122 18.66 2.74 -3.38
CA SER A 122 18.59 1.40 -2.81
C SER A 122 18.48 1.54 -1.29
N LYS A 123 17.92 0.53 -0.64
CA LYS A 123 17.77 0.57 0.80
C LYS A 123 19.16 0.58 1.43
N GLU A 124 20.08 -0.15 0.81
CA GLU A 124 21.46 -0.24 1.30
C GLU A 124 22.12 1.14 1.35
N LEU A 125 22.02 1.89 0.25
CA LEU A 125 22.68 3.19 0.18
C LEU A 125 21.97 4.20 1.09
N ALA A 126 20.67 4.02 1.26
CA ALA A 126 19.91 4.86 2.19
C ALA A 126 20.43 4.70 3.62
N ASP A 127 20.68 3.47 4.03
CA ASP A 127 21.24 3.20 5.36
C ASP A 127 22.64 3.77 5.47
N GLN A 128 23.44 3.61 4.41
CA GLN A 128 24.84 4.03 4.45
C GLN A 128 25.01 5.55 4.50
N TYR A 129 24.12 6.27 3.82
CA TYR A 129 24.21 7.71 3.68
C TYR A 129 23.18 8.44 4.55
N HIS A 130 22.44 7.65 5.32
CA HIS A 130 21.41 8.17 6.22
C HIS A 130 20.42 9.10 5.50
N LEU A 131 19.71 8.53 4.51
CA LEU A 131 18.77 9.28 3.69
C LEU A 131 17.31 8.92 4.00
N GLU A 132 16.52 9.93 4.38
CA GLU A 132 15.08 9.80 4.53
C GLU A 132 14.37 10.82 3.64
N THR A 133 14.93 12.03 3.57
CA THR A 133 14.36 13.12 2.79
C THR A 133 15.26 13.49 1.63
N VAL A 134 14.72 14.27 0.71
CA VAL A 134 15.51 14.81 -0.40
C VAL A 134 16.58 15.80 0.08
N SER A 135 16.28 16.59 1.11
CA SER A 135 17.28 17.50 1.66
C SER A 135 18.47 16.75 2.28
N ASP A 136 18.23 15.54 2.77
CA ASP A 136 19.30 14.69 3.28
C ASP A 136 20.37 14.42 2.21
N VAL A 137 19.97 14.47 0.94
CA VAL A 137 20.91 14.20 -0.16
C VAL A 137 21.90 15.35 -0.39
N LYS A 138 21.51 16.56 0.01
CA LYS A 138 22.24 17.78 -0.34
C LYS A 138 23.78 17.68 -0.16
N LYS A 139 24.20 17.31 1.04
CA LYS A 139 25.62 17.36 1.40
C LYS A 139 26.46 16.29 0.70
N TRP A 140 25.79 15.25 0.20
CA TRP A 140 26.48 14.14 -0.47
C TRP A 140 26.46 14.27 -2.00
N ALA A 141 25.57 15.13 -2.50
CA ALA A 141 25.29 15.21 -3.94
C ALA A 141 26.47 15.28 -4.91
N PRO A 142 27.52 16.06 -4.59
CA PRO A 142 28.63 16.17 -5.54
C PRO A 142 29.33 14.85 -5.85
N GLN A 143 29.19 13.83 -5.00
CA GLN A 143 29.79 12.52 -5.28
C GLN A 143 28.86 11.53 -5.98
N LEU A 144 27.59 11.91 -6.13
CA LEU A 144 26.55 10.99 -6.59
C LEU A 144 26.21 11.11 -8.06
N LYS A 145 25.82 9.99 -8.67
CA LYS A 145 25.29 9.96 -10.04
C LYS A 145 23.76 9.84 -10.01
N LEU A 146 23.10 10.79 -10.67
CA LEU A 146 21.64 10.81 -10.74
C LEU A 146 21.16 10.42 -12.14
N GLY A 147 20.27 9.43 -12.19
CA GLY A 147 19.61 9.03 -13.42
C GLY A 147 18.22 9.64 -13.48
N VAL A 148 17.84 10.19 -14.63
CA VAL A 148 16.54 10.85 -14.80
C VAL A 148 15.91 10.42 -16.12
N ASP A 149 14.62 10.68 -16.30
CA ASP A 149 13.96 10.28 -17.54
C ASP A 149 14.44 11.15 -18.71
N ASN A 150 13.84 10.97 -19.88
CA ASN A 150 14.32 11.67 -21.07
C ASN A 150 13.85 13.11 -21.23
N TYR A 151 13.06 13.62 -20.30
CA TYR A 151 12.49 14.96 -20.44
C TYR A 151 12.66 15.88 -19.23
N TRP A 152 12.94 15.30 -18.07
CA TRP A 152 13.01 16.08 -16.83
C TRP A 152 14.13 17.14 -16.83
N MET A 153 15.22 16.87 -17.53
CA MET A 153 16.33 17.83 -17.58
C MET A 153 15.89 19.15 -18.21
N LYS A 154 15.05 19.07 -19.23
CA LYS A 154 14.59 20.25 -19.95
C LYS A 154 13.20 20.73 -19.53
N LEU A 155 12.50 19.94 -18.72
CA LEU A 155 11.18 20.30 -18.21
C LEU A 155 11.22 21.66 -17.54
N LYS A 156 10.20 22.48 -17.76
CA LYS A 156 10.26 23.90 -17.43
C LYS A 156 9.76 24.29 -16.03
N GLY A 157 8.66 23.69 -15.59
CA GLY A 157 8.08 24.06 -14.31
C GLY A 157 8.76 23.42 -13.11
N ASN A 158 8.66 22.10 -13.03
CA ASN A 158 9.28 21.36 -11.95
C ASN A 158 10.38 20.46 -12.49
N GLY A 159 11.14 20.97 -13.45
CA GLY A 159 12.25 20.25 -14.06
C GLY A 159 13.56 20.46 -13.33
N TYR A 160 14.66 20.11 -13.98
CA TYR A 160 15.98 20.13 -13.35
C TYR A 160 16.43 21.52 -12.91
N GLN A 161 16.22 22.53 -13.77
CA GLN A 161 16.62 23.89 -13.44
C GLN A 161 15.97 24.36 -12.13
N ASP A 162 14.67 24.18 -12.01
CA ASP A 162 13.95 24.69 -10.85
C ASP A 162 14.25 23.88 -9.60
N PHE A 163 14.61 22.61 -9.79
CA PHE A 163 15.07 21.76 -8.69
C PHE A 163 16.39 22.31 -8.14
N THR A 164 17.29 22.69 -9.05
CA THR A 164 18.60 23.22 -8.68
C THR A 164 18.49 24.53 -7.88
N LYS A 165 17.39 25.26 -8.08
CA LYS A 165 17.17 26.50 -7.33
C LYS A 165 16.54 26.23 -5.96
N THR A 166 15.59 25.31 -5.92
CA THR A 166 14.82 25.06 -4.70
C THR A 166 15.55 24.27 -3.63
N TYR A 167 16.26 23.23 -4.06
CA TYR A 167 16.96 22.40 -3.11
C TYR A 167 18.42 22.83 -3.04
N GLY A 168 18.92 23.40 -4.14
CA GLY A 168 20.24 23.99 -4.15
C GLY A 168 21.33 22.96 -3.92
N MET A 169 21.24 21.85 -4.64
CA MET A 169 22.29 20.84 -4.60
C MET A 169 22.66 20.59 -6.04
N THR A 170 23.92 20.25 -6.27
CA THR A 170 24.37 19.90 -7.60
C THR A 170 25.02 18.52 -7.58
N PHE A 171 24.53 17.62 -8.44
CA PHE A 171 25.04 16.26 -8.49
C PHE A 171 26.36 16.13 -9.24
N GLY A 172 27.09 15.05 -8.93
CA GLY A 172 28.34 14.73 -9.61
C GLY A 172 28.13 14.55 -11.10
N GLY A 173 27.01 13.96 -11.46
CA GLY A 173 26.67 13.80 -12.86
C GLY A 173 25.18 13.59 -12.99
N THR A 174 24.66 13.89 -14.16
CA THR A 174 23.24 13.70 -14.44
C THR A 174 23.09 12.88 -15.73
N TYR A 175 22.22 11.88 -15.70
CA TYR A 175 22.18 10.90 -16.77
C TYR A 175 20.77 10.58 -17.28
N PRO A 176 20.35 11.21 -18.40
CA PRO A 176 19.02 10.96 -18.95
C PRO A 176 18.93 9.59 -19.64
N MET A 177 17.76 8.97 -19.57
CA MET A 177 17.54 7.65 -20.14
C MET A 177 16.05 7.35 -20.11
N GLN A 178 15.64 6.31 -20.83
CA GLN A 178 14.26 5.88 -20.82
C GLN A 178 13.89 5.59 -19.37
N ILE A 179 12.80 6.19 -18.88
CA ILE A 179 12.40 6.02 -17.48
C ILE A 179 12.38 4.55 -17.04
N GLY A 180 11.94 3.67 -17.93
CA GLY A 180 11.86 2.24 -17.62
C GLY A 180 13.17 1.62 -17.17
N LEU A 181 14.30 2.25 -17.53
CA LEU A 181 15.63 1.75 -17.22
C LEU A 181 16.21 2.19 -15.88
N VAL A 182 15.59 3.19 -15.24
CA VAL A 182 16.17 3.77 -14.02
C VAL A 182 16.22 2.79 -12.84
N TYR A 183 15.26 1.87 -12.80
CA TYR A 183 15.14 0.94 -11.69
C TYR A 183 16.32 -0.05 -11.63
N ASP A 184 16.67 -0.62 -12.77
CA ASP A 184 17.86 -1.46 -12.85
C ASP A 184 19.13 -0.65 -12.73
N ALA A 185 19.11 0.58 -13.22
CA ALA A 185 20.29 1.43 -13.13
C ALA A 185 20.70 1.66 -11.70
N VAL A 186 19.74 2.02 -10.84
CA VAL A 186 20.07 2.26 -9.43
C VAL A 186 20.30 0.95 -8.67
N LYS A 187 19.53 -0.08 -8.97
CA LYS A 187 19.70 -1.36 -8.27
C LYS A 187 21.07 -1.99 -8.56
N SER A 188 21.56 -1.86 -9.80
CA SER A 188 22.85 -2.43 -10.18
C SER A 188 24.05 -1.55 -9.76
N GLY A 189 23.77 -0.35 -9.24
N GLY A 189 23.77 -0.35 -9.24
CA GLY A 189 24.81 0.54 -8.78
CA GLY A 189 24.81 0.54 -8.78
C GLY A 189 25.42 1.36 -9.88
C GLY A 189 25.42 1.36 -9.88
N LYS A 190 24.84 1.28 -11.08
CA LYS A 190 25.31 2.12 -12.18
C LYS A 190 24.93 3.58 -11.94
N MET A 191 23.77 3.80 -11.31
CA MET A 191 23.39 5.12 -10.77
C MET A 191 23.28 5.02 -9.26
N ASP A 192 23.57 6.09 -8.53
CA ASP A 192 23.39 6.09 -7.06
C ASP A 192 22.01 6.53 -6.63
N ILE A 193 21.36 7.33 -7.46
CA ILE A 193 20.04 7.86 -7.12
C ILE A 193 19.32 8.11 -8.44
N VAL A 194 18.00 7.90 -8.46
CA VAL A 194 17.22 8.15 -9.68
C VAL A 194 15.90 8.86 -9.39
N LEU A 195 15.45 9.66 -10.35
CA LEU A 195 14.15 10.27 -10.23
C LEU A 195 13.17 9.29 -10.83
N ALA A 196 12.60 8.46 -9.97
CA ALA A 196 11.66 7.41 -10.40
C ALA A 196 10.21 7.89 -10.41
N TYR A 197 9.32 7.02 -10.86
CA TYR A 197 7.89 7.31 -10.84
C TYR A 197 7.27 6.47 -9.74
N SER A 198 6.50 7.08 -8.86
CA SER A 198 6.07 6.45 -7.62
C SER A 198 5.17 5.22 -7.74
N THR A 199 4.50 5.05 -8.89
CA THR A 199 3.63 3.89 -9.10
C THR A 199 4.39 2.68 -9.65
N ASP A 200 5.70 2.78 -9.80
CA ASP A 200 6.41 1.63 -10.36
C ASP A 200 6.60 0.55 -9.31
N GLY A 201 6.11 -0.66 -9.62
CA GLY A 201 6.25 -1.79 -8.71
C GLY A 201 7.67 -2.26 -8.47
N ARG A 202 8.61 -1.88 -9.36
CA ARG A 202 10.01 -2.27 -9.20
C ARG A 202 10.71 -1.57 -8.04
N ILE A 203 10.10 -0.49 -7.53
CA ILE A 203 10.65 0.20 -6.36
C ILE A 203 10.67 -0.73 -5.14
N LYS A 204 9.52 -1.30 -4.80
CA LYS A 204 9.45 -2.24 -3.68
C LYS A 204 10.13 -3.58 -3.99
N SER A 205 9.95 -4.08 -5.20
N SER A 205 9.93 -4.08 -5.21
CA SER A 205 10.45 -5.41 -5.54
CA SER A 205 10.45 -5.41 -5.58
C SER A 205 11.97 -5.47 -5.66
C SER A 205 11.98 -5.45 -5.63
N TYR A 206 12.60 -4.34 -6.00
CA TYR A 206 14.06 -4.29 -6.14
C TYR A 206 14.74 -3.78 -4.87
N GLY A 207 13.98 -3.69 -3.78
CA GLY A 207 14.54 -3.23 -2.53
C GLY A 207 15.01 -1.78 -2.58
N LEU A 208 14.19 -0.93 -3.19
CA LEU A 208 14.49 0.49 -3.32
C LEU A 208 13.65 1.28 -2.31
N LYS A 209 13.96 2.56 -2.15
CA LYS A 209 13.32 3.40 -1.15
C LYS A 209 13.13 4.82 -1.69
N MET A 210 11.91 5.33 -1.60
CA MET A 210 11.63 6.70 -2.04
C MET A 210 11.91 7.73 -0.94
N LEU A 211 12.62 8.80 -1.29
CA LEU A 211 12.95 9.85 -0.31
C LEU A 211 11.84 10.91 -0.27
N LYS A 212 11.54 11.41 0.92
CA LYS A 212 10.45 12.37 1.10
C LYS A 212 10.80 13.75 0.53
N ASP A 213 9.87 14.31 -0.25
CA ASP A 213 10.00 15.65 -0.83
C ASP A 213 9.69 16.68 0.28
N ASP A 214 10.64 16.89 1.18
CA ASP A 214 10.43 17.75 2.34
C ASP A 214 10.10 19.21 1.98
N LYS A 215 10.59 19.67 0.84
CA LYS A 215 10.30 21.04 0.39
C LYS A 215 9.01 21.14 -0.42
N GLN A 216 8.41 20.01 -0.73
CA GLN A 216 7.24 19.96 -1.61
C GLN A 216 7.52 20.62 -2.95
N PHE A 217 8.66 20.29 -3.53
CA PHE A 217 9.01 20.79 -4.83
C PHE A 217 7.99 20.33 -5.86
N PHE A 218 7.56 19.07 -5.73
CA PHE A 218 6.66 18.48 -6.72
C PHE A 218 5.20 18.68 -6.34
N PRO A 219 4.37 19.07 -7.32
CA PRO A 219 2.94 19.24 -7.08
C PRO A 219 2.26 17.88 -7.00
N PRO A 220 0.99 17.83 -6.56
CA PRO A 220 0.28 16.54 -6.60
C PRO A 220 0.14 16.04 -8.03
N TYR A 221 0.04 14.72 -8.17
CA TYR A 221 -0.14 14.11 -9.47
C TYR A 221 -1.21 13.03 -9.42
N ASP A 222 -2.40 13.38 -8.92
CA ASP A 222 -3.50 12.43 -8.90
C ASP A 222 -3.97 12.12 -10.33
N CYS A 223 -4.37 10.88 -10.57
CA CYS A 223 -4.64 10.42 -11.94
C CYS A 223 -6.11 10.26 -12.17
N SER A 224 -6.61 10.79 -13.29
CA SER A 224 -8.02 10.69 -13.65
C SER A 224 -8.20 10.42 -15.16
N PRO A 225 -9.33 9.82 -15.57
CA PRO A 225 -9.68 9.84 -16.99
C PRO A 225 -10.23 11.21 -17.38
N VAL A 226 -10.09 11.59 -18.65
CA VAL A 226 -10.67 12.84 -19.17
C VAL A 226 -11.43 12.58 -20.46
N VAL A 227 -12.66 13.10 -20.52
CA VAL A 227 -13.56 12.91 -21.67
C VAL A 227 -14.22 14.23 -22.09
N PRO A 228 -14.27 14.53 -23.41
CA PRO A 228 -14.99 15.75 -23.81
C PRO A 228 -16.50 15.65 -23.57
N GLU A 229 -17.13 16.77 -23.23
CA GLU A 229 -18.56 16.76 -22.98
C GLU A 229 -19.34 16.31 -24.23
N LYS A 230 -18.76 16.52 -25.40
CA LYS A 230 -19.38 16.09 -26.66
C LYS A 230 -19.56 14.58 -26.68
N VAL A 231 -18.48 13.89 -26.33
CA VAL A 231 -18.47 12.43 -26.32
C VAL A 231 -19.45 11.86 -25.29
N LEU A 232 -19.53 12.48 -24.12
CA LEU A 232 -20.45 12.01 -23.08
C LEU A 232 -21.92 12.22 -23.47
N LYS A 233 -22.18 13.28 -24.22
CA LYS A 233 -23.53 13.56 -24.72
C LYS A 233 -23.96 12.51 -25.77
N GLU A 234 -23.09 12.25 -26.73
CA GLU A 234 -23.37 11.26 -27.77
C GLU A 234 -23.47 9.83 -27.22
N HIS A 235 -22.86 9.56 -26.07
CA HIS A 235 -22.92 8.23 -25.47
C HIS A 235 -23.21 8.32 -23.97
N PRO A 236 -24.48 8.59 -23.62
CA PRO A 236 -24.87 8.78 -22.22
C PRO A 236 -24.59 7.58 -21.32
N GLU A 237 -24.31 6.41 -21.88
CA GLU A 237 -24.02 5.24 -21.06
C GLU A 237 -22.60 5.31 -20.48
N LEU A 238 -21.75 6.11 -21.11
CA LEU A 238 -20.34 6.19 -20.73
C LEU A 238 -20.09 6.60 -19.28
N GLU A 239 -20.83 7.61 -18.82
CA GLU A 239 -20.60 8.20 -17.50
C GLU A 239 -20.66 7.16 -16.40
N GLY A 240 -21.71 6.35 -16.42
CA GLY A 240 -21.92 5.39 -15.35
C GLY A 240 -20.88 4.29 -15.35
N ILE A 241 -20.31 4.02 -16.51
CA ILE A 241 -19.30 2.98 -16.59
C ILE A 241 -17.98 3.49 -16.02
N ILE A 242 -17.58 4.69 -16.45
CA ILE A 242 -16.34 5.30 -15.96
C ILE A 242 -16.38 5.44 -14.43
N LYS A 243 -17.54 5.84 -13.91
CA LYS A 243 -17.75 5.98 -12.46
C LYS A 243 -17.41 4.73 -11.64
N LYS A 244 -17.59 3.55 -12.24
CA LYS A 244 -17.28 2.29 -11.57
C LYS A 244 -15.81 2.20 -11.16
N MET A 245 -14.93 2.88 -11.89
N MET A 245 -14.96 2.90 -11.90
CA MET A 245 -13.51 2.79 -11.63
CA MET A 245 -13.51 2.83 -11.69
C MET A 245 -12.99 3.79 -10.61
C MET A 245 -13.00 3.81 -10.64
N LEU A 246 -13.77 4.85 -10.37
CA LEU A 246 -13.28 5.95 -9.54
C LEU A 246 -13.05 5.57 -8.08
N GLY A 247 -11.89 5.96 -7.55
CA GLY A 247 -11.49 5.64 -6.18
C GLY A 247 -11.18 4.18 -5.92
N LYS A 248 -11.11 3.38 -6.98
CA LYS A 248 -10.91 1.93 -6.85
C LYS A 248 -9.45 1.49 -6.85
N ILE A 249 -8.56 2.32 -7.37
CA ILE A 249 -7.16 1.91 -7.51
C ILE A 249 -6.21 2.84 -6.75
N ASP A 250 -5.72 2.40 -5.59
CA ASP A 250 -4.77 3.21 -4.82
C ASP A 250 -3.36 3.00 -5.32
N THR A 251 -2.40 3.75 -4.81
CA THR A 251 -1.05 3.70 -5.37
C THR A 251 -0.42 2.32 -5.20
N ALA A 252 -0.59 1.74 -4.02
CA ALA A 252 -0.06 0.38 -3.76
C ALA A 252 -0.59 -0.64 -4.79
N THR A 253 -1.88 -0.53 -5.11
CA THR A 253 -2.51 -1.43 -6.09
C THR A 253 -1.99 -1.20 -7.51
N MET A 254 -1.81 0.06 -7.89
CA MET A 254 -1.29 0.39 -9.23
C MET A 254 0.13 -0.13 -9.35
N GLN A 255 0.91 -0.02 -8.28
CA GLN A 255 2.30 -0.53 -8.28
C GLN A 255 2.32 -2.03 -8.60
N GLU A 256 1.40 -2.76 -8.00
CA GLU A 256 1.31 -4.21 -8.21
C GLU A 256 0.87 -4.56 -9.62
N LEU A 257 -0.14 -3.83 -10.12
CA LEU A 257 -0.59 -4.00 -11.51
C LEU A 257 0.56 -3.67 -12.48
N ASN A 258 1.26 -2.57 -12.25
CA ASN A 258 2.44 -2.25 -13.06
C ASN A 258 3.49 -3.34 -13.05
N TYR A 259 3.76 -3.91 -11.88
CA TYR A 259 4.80 -4.94 -11.78
C TYR A 259 4.45 -6.19 -12.61
N GLU A 260 3.17 -6.52 -12.69
N GLU A 260 3.17 -6.52 -12.70
CA GLU A 260 2.72 -7.64 -13.52
CA GLU A 260 2.73 -7.66 -13.52
C GLU A 260 3.18 -7.46 -14.96
C GLU A 260 3.19 -7.47 -14.97
N VAL A 261 3.18 -6.22 -15.44
CA VAL A 261 3.64 -5.93 -16.79
C VAL A 261 5.18 -5.81 -16.83
N ASP A 262 5.74 -5.00 -15.94
CA ASP A 262 7.15 -4.62 -16.04
C ASP A 262 8.09 -5.71 -15.56
N GLY A 263 7.69 -6.39 -14.49
CA GLY A 263 8.53 -7.42 -13.90
C GLY A 263 8.18 -8.80 -14.41
N ASN A 264 6.88 -9.09 -14.49
CA ASN A 264 6.45 -10.42 -14.88
C ASN A 264 6.10 -10.58 -16.36
N LEU A 265 6.24 -9.49 -17.12
CA LEU A 265 6.18 -9.51 -18.59
C LEU A 265 4.82 -9.85 -19.21
N LYS A 266 3.75 -9.68 -18.42
CA LYS A 266 2.40 -9.95 -18.88
C LYS A 266 1.88 -8.77 -19.71
N GLU A 267 1.00 -9.04 -20.67
CA GLU A 267 0.39 -7.99 -21.47
C GLU A 267 -0.53 -7.13 -20.61
N PRO A 268 -0.49 -5.80 -20.80
CA PRO A 268 -1.44 -4.91 -20.10
C PRO A 268 -2.90 -5.37 -20.24
N SER A 269 -3.30 -5.84 -21.42
CA SER A 269 -4.67 -6.34 -21.58
C SER A 269 -4.97 -7.57 -20.67
N VAL A 270 -3.98 -8.43 -20.48
CA VAL A 270 -4.16 -9.63 -19.64
C VAL A 270 -4.25 -9.21 -18.17
N VAL A 271 -3.40 -8.27 -17.79
CA VAL A 271 -3.41 -7.75 -16.42
C VAL A 271 -4.73 -7.06 -16.10
N ALA A 272 -5.19 -6.23 -17.02
CA ALA A 272 -6.48 -5.56 -16.89
C ALA A 272 -7.65 -6.54 -16.79
N LYS A 273 -7.61 -7.59 -17.61
CA LYS A 273 -8.68 -8.58 -17.59
C LYS A 273 -8.70 -9.33 -16.27
N GLU A 274 -7.53 -9.75 -15.81
CA GLU A 274 -7.46 -10.51 -14.57
C GLU A 274 -7.97 -9.66 -13.40
N TYR A 275 -7.65 -8.36 -13.42
CA TYR A 275 -8.12 -7.43 -12.40
C TYR A 275 -9.65 -7.28 -12.46
N LEU A 276 -10.19 -7.11 -13.66
CA LEU A 276 -11.64 -6.97 -13.81
C LEU A 276 -12.38 -8.25 -13.38
N GLU A 277 -11.79 -9.41 -13.68
CA GLU A 277 -12.40 -10.67 -13.30
C GLU A 277 -12.44 -10.78 -11.78
N LYS A 278 -11.36 -10.39 -11.12
CA LYS A 278 -11.29 -10.41 -9.67
C LYS A 278 -12.42 -9.61 -9.07
N HIS A 279 -12.67 -8.43 -9.65
CA HIS A 279 -13.65 -7.50 -9.13
C HIS A 279 -15.03 -7.64 -9.81
N ARG A 280 -15.22 -8.77 -10.50
CA ARG A 280 -16.45 -9.08 -11.24
C ARG A 280 -16.98 -7.90 -12.04
N TYR A 281 -16.06 -7.23 -12.75
CA TYR A 281 -16.43 -6.12 -13.64
C TYR A 281 -17.20 -4.99 -12.96
N PHE A 282 -17.04 -4.91 -11.64
CA PHE A 282 -17.73 -3.94 -10.81
C PHE A 282 -19.25 -4.05 -10.98
N GLU A 283 -19.73 -5.29 -10.88
N GLU A 283 -19.75 -5.29 -10.96
CA GLU A 283 -21.15 -5.68 -10.86
CA GLU A 283 -21.18 -5.59 -11.11
C GLU A 283 -21.71 -6.00 -12.25
C GLU A 283 -22.04 -4.80 -10.12
N GLN B 12 17.82 1.45 32.49
CA GLN B 12 18.70 0.44 33.05
C GLN B 12 18.13 -0.98 32.92
N THR B 13 16.86 -1.18 33.33
CA THR B 13 16.12 -2.40 32.99
C THR B 13 15.00 -2.07 32.01
N ILE B 14 15.02 -2.69 30.84
CA ILE B 14 14.08 -2.33 29.79
C ILE B 14 12.82 -3.17 29.88
N LYS B 15 11.69 -2.52 30.18
CA LYS B 15 10.42 -3.20 30.33
C LYS B 15 9.72 -3.32 28.98
N ILE B 16 9.46 -4.54 28.54
CA ILE B 16 8.87 -4.78 27.21
C ILE B 16 7.43 -5.30 27.32
N GLY B 17 6.48 -4.53 26.81
CA GLY B 17 5.07 -4.86 26.91
C GLY B 17 4.52 -5.78 25.83
N ALA B 18 3.68 -6.72 26.25
CA ALA B 18 3.00 -7.63 25.32
C ALA B 18 1.51 -7.66 25.64
N GLN B 19 0.66 -7.58 24.62
CA GLN B 19 -0.77 -7.83 24.82
C GLN B 19 -0.98 -9.32 24.93
N SER B 20 -2.22 -9.71 25.16
N SER B 20 -2.22 -9.72 25.20
CA SER B 20 -2.59 -11.11 25.37
CA SER B 20 -2.56 -11.14 25.39
C SER B 20 -2.77 -11.85 24.05
C SER B 20 -2.76 -11.84 24.06
N MET B 21 -1.69 -11.95 23.29
CA MET B 21 -1.70 -12.68 22.03
C MET B 21 -0.42 -13.49 21.99
N SER B 22 -0.47 -14.69 21.41
CA SER B 22 0.73 -15.51 21.30
C SER B 22 1.87 -14.77 20.62
N GLU B 23 1.57 -14.09 19.51
CA GLU B 23 2.62 -13.44 18.74
C GLU B 23 3.24 -12.27 19.49
N SER B 24 2.45 -11.63 20.35
N SER B 24 2.44 -11.63 20.34
CA SER B 24 2.96 -10.53 21.16
CA SER B 24 2.96 -10.53 21.15
C SER B 24 3.95 -11.05 22.19
C SER B 24 3.97 -11.06 22.17
N GLU B 25 3.67 -12.21 22.77
CA GLU B 25 4.57 -12.84 23.74
C GLU B 25 5.84 -13.40 23.07
N ILE B 26 5.69 -13.99 21.90
CA ILE B 26 6.85 -14.47 21.14
C ILE B 26 7.78 -13.31 20.77
N ILE B 27 7.22 -12.25 20.20
CA ILE B 27 8.02 -11.10 19.75
C ILE B 27 8.65 -10.33 20.91
N ALA B 28 7.91 -10.17 22.01
CA ALA B 28 8.46 -9.48 23.18
C ALA B 28 9.68 -10.24 23.71
N SER B 29 9.52 -11.55 23.83
CA SER B 29 10.60 -12.42 24.30
C SER B 29 11.75 -12.39 23.31
N MET B 30 11.44 -12.49 22.01
CA MET B 30 12.46 -12.44 20.97
C MET B 30 13.29 -11.15 21.05
N GLN B 31 12.61 -10.02 21.15
CA GLN B 31 13.29 -8.73 21.26
C GLN B 31 14.12 -8.63 22.56
N GLY B 32 13.56 -9.11 23.67
CA GLY B 32 14.28 -9.07 24.94
C GLY B 32 15.53 -9.93 24.90
N GLN B 33 15.40 -11.14 24.33
CA GLN B 33 16.56 -12.04 24.21
C GLN B 33 17.61 -11.49 23.25
N LEU B 34 17.19 -10.70 22.27
CA LEU B 34 18.12 -10.17 21.28
C LEU B 34 18.92 -9.04 21.93
N ILE B 35 18.22 -8.21 22.69
CA ILE B 35 18.86 -7.13 23.43
C ILE B 35 19.89 -7.64 24.44
N GLU B 36 19.51 -8.64 25.23
CA GLU B 36 20.43 -9.22 26.22
C GLU B 36 21.64 -9.94 25.59
N HIS B 37 21.43 -10.53 24.41
CA HIS B 37 22.50 -11.21 23.68
C HIS B 37 23.56 -10.22 23.20
N HIS B 38 23.10 -9.05 22.76
CA HIS B 38 23.98 -8.08 22.14
C HIS B 38 24.49 -6.97 23.06
N THR B 39 23.91 -6.81 24.25
CA THR B 39 24.28 -5.73 25.17
C THR B 39 24.31 -6.13 26.65
N ASP B 40 24.65 -5.17 27.49
CA ASP B 40 24.65 -5.37 28.93
C ASP B 40 23.29 -5.00 29.55
N LEU B 41 22.38 -4.48 28.71
CA LEU B 41 21.04 -4.12 29.18
C LEU B 41 20.26 -5.34 29.63
N LYS B 42 19.50 -5.20 30.71
CA LYS B 42 18.64 -6.26 31.20
C LYS B 42 17.22 -5.92 30.77
N THR B 43 16.38 -6.93 30.57
CA THR B 43 15.01 -6.69 30.13
C THR B 43 14.02 -7.51 30.93
N THR B 44 12.77 -7.07 30.95
CA THR B 44 11.69 -7.85 31.54
C THR B 44 10.45 -7.69 30.68
N THR B 45 9.64 -8.73 30.64
CA THR B 45 8.41 -8.70 29.88
C THR B 45 7.22 -8.37 30.78
N ILE B 46 6.47 -7.34 30.40
CA ILE B 46 5.20 -7.00 31.03
C ILE B 46 4.08 -7.62 30.21
N LYS B 47 3.49 -8.70 30.72
CA LYS B 47 2.53 -9.46 29.94
C LYS B 47 1.09 -9.08 30.22
N ASN B 48 0.20 -9.54 29.34
CA ASN B 48 -1.25 -9.39 29.51
C ASN B 48 -1.78 -7.96 29.59
N LEU B 49 -1.26 -7.07 28.75
CA LEU B 49 -1.89 -5.78 28.51
C LEU B 49 -3.13 -6.00 27.63
N GLY B 50 -4.13 -5.13 27.74
CA GLY B 50 -5.18 -4.99 26.69
C GLY B 50 -6.08 -3.78 26.91
N GLN B 56 -1.37 1.75 25.07
CA GLN B 56 -0.98 3.12 24.71
C GLN B 56 -0.68 3.97 25.96
N GLN B 57 -1.54 3.82 26.96
CA GLN B 57 -1.38 4.56 28.22
C GLN B 57 -0.06 4.18 28.86
N ALA B 58 0.23 2.88 28.86
CA ALA B 58 1.41 2.33 29.52
C ALA B 58 2.68 2.81 28.87
N LEU B 59 2.63 3.00 27.55
CA LEU B 59 3.76 3.55 26.82
C LEU B 59 3.98 5.03 27.15
N MET B 60 2.89 5.75 27.37
CA MET B 60 2.95 7.18 27.66
C MET B 60 3.22 7.51 29.14
N ASN B 61 2.99 6.57 30.04
CA ASN B 61 3.20 6.85 31.46
C ASN B 61 4.35 6.08 32.14
N GLY B 62 5.15 5.38 31.34
CA GLY B 62 6.37 4.77 31.85
C GLY B 62 6.31 3.31 32.26
N GLU B 63 5.12 2.73 32.30
CA GLU B 63 4.99 1.34 32.72
C GLU B 63 5.74 0.38 31.78
N ILE B 64 5.79 0.72 30.50
CA ILE B 64 6.59 -0.06 29.57
C ILE B 64 7.49 0.86 28.76
N ASP B 65 8.66 0.36 28.40
CA ASP B 65 9.63 1.13 27.63
C ASP B 65 9.56 0.80 26.14
N ILE B 66 9.06 -0.39 25.82
CA ILE B 66 8.92 -0.82 24.45
C ILE B 66 7.60 -1.54 24.31
N ALA B 67 6.76 -1.13 23.34
CA ALA B 67 5.61 -1.96 22.98
C ALA B 67 6.09 -2.92 21.91
N ALA B 68 6.11 -4.20 22.24
CA ALA B 68 6.61 -5.22 21.33
C ALA B 68 5.83 -5.26 20.01
N THR B 69 4.50 -5.22 20.10
CA THR B 69 3.69 -5.35 18.88
C THR B 69 2.53 -4.37 18.85
N ARG B 70 2.62 -3.38 17.96
CA ARG B 70 1.49 -2.48 17.65
C ARG B 70 1.11 -2.61 16.16
N TYR B 71 -0.16 -2.38 15.85
CA TYR B 71 -0.69 -2.63 14.50
C TYR B 71 -1.30 -1.35 13.95
N THR B 72 -0.95 -1.00 12.71
CA THR B 72 -1.27 0.32 12.17
C THR B 72 -2.76 0.63 12.23
N GLY B 73 -3.60 -0.31 11.82
CA GLY B 73 -5.03 -0.08 11.83
C GLY B 73 -5.62 0.23 13.20
N ASP B 74 -5.09 -0.42 14.24
CA ASP B 74 -5.55 -0.16 15.60
C ASP B 74 -5.19 1.27 15.97
N ALA B 75 -3.97 1.66 15.61
CA ALA B 75 -3.46 2.99 15.98
C ALA B 75 -4.17 4.11 15.24
N LEU B 76 -4.36 3.92 13.94
CA LEU B 76 -5.07 4.90 13.11
C LEU B 76 -6.52 5.08 13.52
N THR B 77 -7.24 3.97 13.74
CA THR B 77 -8.67 4.08 14.02
C THR B 77 -8.98 4.42 15.47
N GLY B 78 -8.22 3.82 16.39
CA GLY B 78 -8.53 3.89 17.80
C GLY B 78 -7.77 4.99 18.51
N THR B 79 -6.46 5.04 18.30
CA THR B 79 -5.60 6.01 18.99
C THR B 79 -5.62 7.40 18.36
N LEU B 80 -5.35 7.47 17.07
CA LEU B 80 -5.25 8.72 16.35
C LEU B 80 -6.61 9.23 15.89
N ARG B 81 -7.49 8.30 15.57
CA ARG B 81 -8.77 8.60 14.92
C ARG B 81 -8.58 9.34 13.60
N MET B 82 -7.65 8.87 12.77
CA MET B 82 -7.41 9.47 11.45
C MET B 82 -8.52 9.17 10.44
N GLU B 83 -8.58 9.94 9.36
CA GLU B 83 -9.35 9.57 8.18
C GLU B 83 -8.84 8.21 7.74
N PRO B 84 -9.75 7.27 7.44
CA PRO B 84 -9.30 5.95 6.95
C PRO B 84 -8.34 6.03 5.75
N GLU B 85 -7.34 5.14 5.75
CA GLU B 85 -6.37 5.02 4.67
C GLU B 85 -6.16 3.55 4.37
N LYS B 86 -6.53 3.12 3.15
CA LYS B 86 -6.50 1.71 2.80
C LYS B 86 -5.19 1.24 2.15
N ASP B 87 -4.39 2.19 1.69
CA ASP B 87 -3.04 1.89 1.20
C ASP B 87 -2.13 1.63 2.42
N PRO B 88 -1.61 0.39 2.56
CA PRO B 88 -0.86 0.08 3.78
C PRO B 88 0.46 0.84 3.92
N ASP B 89 1.10 1.16 2.80
CA ASP B 89 2.34 1.93 2.84
C ASP B 89 2.09 3.39 3.24
N LYS B 90 1.03 4.01 2.72
CA LYS B 90 0.69 5.36 3.14
C LYS B 90 0.20 5.36 4.60
N ALA B 91 -0.53 4.31 4.98
CA ALA B 91 -0.99 4.19 6.36
C ALA B 91 0.17 4.10 7.34
N LEU B 92 1.17 3.28 7.02
CA LEU B 92 2.32 3.17 7.91
C LEU B 92 3.04 4.51 8.04
N ALA B 93 3.29 5.17 6.91
CA ALA B 93 3.97 6.46 6.91
C ALA B 93 3.23 7.49 7.76
N LEU B 94 1.91 7.51 7.64
CA LEU B 94 1.09 8.48 8.34
C LEU B 94 1.15 8.21 9.85
N THR B 95 1.03 6.94 10.22
CA THR B 95 1.15 6.51 11.63
C THR B 95 2.49 6.95 12.23
N GLN B 96 3.56 6.79 11.46
CA GLN B 96 4.91 7.11 11.93
C GLN B 96 5.04 8.59 12.15
N ARG B 97 4.59 9.38 11.17
CA ARG B 97 4.60 10.83 11.30
C ARG B 97 3.83 11.33 12.52
N GLU B 98 2.59 10.86 12.68
CA GLU B 98 1.73 11.34 13.76
C GLU B 98 2.14 10.86 15.15
N PHE B 99 2.63 9.63 15.26
CA PHE B 99 3.10 9.16 16.55
C PHE B 99 4.30 9.98 17.04
N LYS B 100 5.18 10.32 16.11
CA LYS B 100 6.34 11.19 16.41
C LYS B 100 5.90 12.58 16.91
N LYS B 101 5.07 13.27 16.13
CA LYS B 101 4.67 14.62 16.53
C LYS B 101 3.73 14.69 17.73
N ARG B 102 2.71 13.82 17.77
CA ARG B 102 1.73 13.87 18.83
C ARG B 102 2.23 13.37 20.18
N TYR B 103 3.03 12.31 20.17
CA TYR B 103 3.33 11.58 21.39
C TYR B 103 4.83 11.40 21.66
N ASP B 104 5.66 11.97 20.79
CA ASP B 104 7.11 11.71 20.82
C ASP B 104 7.45 10.21 20.82
N LEU B 105 6.67 9.41 20.08
CA LEU B 105 6.90 7.98 19.98
C LEU B 105 7.47 7.62 18.62
N LYS B 106 8.47 6.72 18.59
CA LYS B 106 8.97 6.18 17.33
C LYS B 106 8.31 4.86 16.97
N TRP B 107 7.46 4.90 15.96
CA TRP B 107 6.82 3.70 15.43
C TRP B 107 7.76 3.18 14.34
N TYR B 108 8.43 2.06 14.58
CA TYR B 108 9.41 1.52 13.64
C TYR B 108 8.78 1.03 12.34
N ASP B 109 9.61 0.88 11.30
CA ASP B 109 9.19 0.07 10.15
C ASP B 109 8.72 -1.32 10.64
N SER B 110 7.97 -2.01 9.79
CA SER B 110 7.33 -3.27 10.20
C SER B 110 8.30 -4.42 10.34
N TYR B 111 7.98 -5.34 11.24
CA TYR B 111 8.71 -6.60 11.31
C TYR B 111 8.60 -7.32 9.97
N GLY B 112 7.51 -7.10 9.25
CA GLY B 112 7.34 -7.74 7.95
C GLY B 112 6.03 -8.48 7.79
N PHE B 113 5.23 -8.52 8.85
CA PHE B 113 3.95 -9.23 8.80
C PHE B 113 2.79 -8.33 9.20
N ASP B 114 1.58 -8.73 8.82
CA ASP B 114 0.37 -8.04 9.23
C ASP B 114 -0.57 -9.07 9.85
N ASN B 115 -1.33 -8.68 10.86
CA ASN B 115 -2.30 -9.58 11.46
C ASN B 115 -3.69 -8.99 11.31
N THR B 116 -4.38 -9.40 10.26
CA THR B 116 -5.67 -8.83 9.94
C THR B 116 -6.77 -9.88 10.01
N TYR B 117 -8.01 -9.43 10.18
CA TYR B 117 -9.16 -10.29 9.99
C TYR B 117 -9.09 -10.79 8.55
N ALA B 118 -9.39 -12.06 8.34
CA ALA B 118 -9.51 -12.61 6.99
C ALA B 118 -10.61 -13.67 6.93
N PHE B 119 -11.56 -13.50 6.02
CA PHE B 119 -12.59 -14.51 5.81
C PHE B 119 -11.90 -15.74 5.26
N THR B 120 -12.12 -16.88 5.91
CA THR B 120 -11.36 -18.08 5.61
C THR B 120 -12.28 -19.31 5.47
N VAL B 121 -12.02 -20.14 4.45
CA VAL B 121 -12.84 -21.34 4.18
C VAL B 121 -11.93 -22.55 3.95
N SER B 122 -12.51 -23.76 3.92
CA SER B 122 -11.73 -24.94 3.54
C SER B 122 -11.42 -24.87 2.06
N LYS B 123 -10.37 -25.57 1.64
CA LYS B 123 -10.01 -25.64 0.24
C LYS B 123 -11.19 -26.23 -0.58
N GLU B 124 -11.84 -27.26 -0.05
CA GLU B 124 -12.91 -27.93 -0.78
C GLU B 124 -14.13 -27.03 -0.90
N LEU B 125 -14.42 -26.23 0.12
CA LEU B 125 -15.60 -25.38 0.01
C LEU B 125 -15.34 -24.23 -0.95
N ALA B 126 -14.11 -23.72 -0.93
CA ALA B 126 -13.70 -22.66 -1.87
C ALA B 126 -13.89 -23.12 -3.33
N ASP B 127 -13.56 -24.38 -3.56
CA ASP B 127 -13.68 -25.01 -4.86
C ASP B 127 -15.15 -25.14 -5.25
N GLN B 128 -15.94 -25.72 -4.36
CA GLN B 128 -17.36 -25.97 -4.60
C GLN B 128 -18.15 -24.69 -4.89
N TYR B 129 -17.85 -23.63 -4.14
CA TYR B 129 -18.59 -22.37 -4.21
C TYR B 129 -17.88 -21.30 -5.03
N HIS B 130 -16.77 -21.67 -5.66
CA HIS B 130 -15.97 -20.77 -6.49
C HIS B 130 -15.59 -19.47 -5.75
N LEU B 131 -14.92 -19.60 -4.61
CA LEU B 131 -14.62 -18.44 -3.80
C LEU B 131 -13.14 -18.06 -3.83
N GLU B 132 -12.85 -16.81 -4.22
CA GLU B 132 -11.49 -16.28 -4.18
C GLU B 132 -11.47 -14.96 -3.43
N THR B 133 -12.52 -14.17 -3.59
CA THR B 133 -12.65 -12.90 -2.88
C THR B 133 -13.84 -12.95 -1.89
N VAL B 134 -13.90 -11.94 -1.03
CA VAL B 134 -15.04 -11.80 -0.12
C VAL B 134 -16.32 -11.56 -0.93
N SER B 135 -16.26 -10.72 -1.96
CA SER B 135 -17.45 -10.49 -2.80
C SER B 135 -18.02 -11.77 -3.42
N ASP B 136 -17.17 -12.75 -3.71
CA ASP B 136 -17.61 -14.02 -4.28
C ASP B 136 -18.59 -14.75 -3.34
N VAL B 137 -18.53 -14.45 -2.05
CA VAL B 137 -19.39 -15.09 -1.05
C VAL B 137 -20.83 -14.57 -1.11
N LYS B 138 -21.01 -13.37 -1.64
CA LYS B 138 -22.26 -12.59 -1.52
C LYS B 138 -23.55 -13.38 -1.79
N LYS B 139 -23.62 -13.97 -2.98
CA LYS B 139 -24.84 -14.68 -3.41
C LYS B 139 -25.07 -16.00 -2.66
N TRP B 140 -24.05 -16.47 -1.95
CA TRP B 140 -24.13 -17.73 -1.19
C TRP B 140 -24.38 -17.50 0.30
N ALA B 141 -24.08 -16.29 0.78
CA ALA B 141 -24.09 -16.00 2.21
C ALA B 141 -25.32 -16.46 3.02
N PRO B 142 -26.55 -16.32 2.47
CA PRO B 142 -27.70 -16.71 3.31
C PRO B 142 -27.73 -18.18 3.69
N GLN B 143 -26.99 -19.03 2.99
CA GLN B 143 -26.93 -20.45 3.33
C GLN B 143 -25.75 -20.80 4.25
N LEU B 144 -24.81 -19.87 4.42
CA LEU B 144 -23.57 -20.20 5.13
C LEU B 144 -23.59 -19.85 6.62
N LYS B 145 -22.85 -20.62 7.41
CA LYS B 145 -22.63 -20.33 8.83
C LYS B 145 -21.27 -19.69 9.06
N LEU B 146 -21.26 -18.47 9.59
CA LEU B 146 -20.02 -17.75 9.84
C LEU B 146 -19.59 -17.77 11.30
N GLY B 147 -18.44 -18.39 11.57
CA GLY B 147 -17.84 -18.35 12.90
C GLY B 147 -17.00 -17.10 13.07
N VAL B 148 -17.09 -16.44 14.22
CA VAL B 148 -16.41 -15.17 14.46
C VAL B 148 -15.86 -15.10 15.92
N ASP B 149 -14.90 -14.21 16.19
CA ASP B 149 -14.42 -14.04 17.56
C ASP B 149 -15.49 -13.46 18.48
N ASN B 150 -15.11 -13.24 19.74
CA ASN B 150 -16.05 -12.85 20.77
C ASN B 150 -16.34 -11.35 20.80
N TYR B 151 -15.76 -10.61 19.85
CA TYR B 151 -15.86 -9.15 19.89
C TYR B 151 -16.39 -8.52 18.62
N TRP B 152 -16.05 -9.12 17.47
CA TRP B 152 -16.30 -8.53 16.16
C TRP B 152 -17.75 -8.21 15.83
N MET B 153 -18.70 -8.99 16.35
CA MET B 153 -20.11 -8.74 16.03
C MET B 153 -20.58 -7.37 16.53
N LYS B 154 -19.91 -6.85 17.56
CA LYS B 154 -20.32 -5.60 18.19
C LYS B 154 -19.35 -4.43 17.99
N LEU B 155 -18.33 -4.62 17.16
CA LEU B 155 -17.38 -3.54 16.91
C LEU B 155 -17.97 -2.46 16.00
N LYS B 156 -17.46 -1.24 16.12
CA LYS B 156 -17.86 -0.14 15.25
C LYS B 156 -16.77 0.12 14.22
N GLY B 157 -17.16 0.51 13.01
CA GLY B 157 -16.22 0.86 11.97
C GLY B 157 -15.71 -0.30 11.16
N ASN B 158 -15.16 -1.31 11.83
CA ASN B 158 -14.65 -2.47 11.13
C ASN B 158 -15.39 -3.75 11.53
N GLY B 159 -16.56 -3.59 12.15
CA GLY B 159 -17.29 -4.74 12.66
C GLY B 159 -18.39 -5.25 11.74
N TYR B 160 -19.21 -6.14 12.28
CA TYR B 160 -20.24 -6.82 11.50
C TYR B 160 -21.20 -5.84 10.84
N GLN B 161 -21.68 -4.87 11.60
CA GLN B 161 -22.70 -3.95 11.08
C GLN B 161 -22.21 -3.25 9.82
N ASP B 162 -21.00 -2.69 9.89
CA ASP B 162 -20.43 -1.98 8.75
C ASP B 162 -20.02 -2.93 7.64
N PHE B 163 -19.56 -4.12 8.01
CA PHE B 163 -19.25 -5.14 7.02
C PHE B 163 -20.48 -5.46 6.19
N THR B 164 -21.63 -5.58 6.82
CA THR B 164 -22.84 -5.96 6.08
C THR B 164 -23.30 -4.87 5.14
N LYS B 165 -23.05 -3.61 5.52
CA LYS B 165 -23.39 -2.45 4.68
C LYS B 165 -22.45 -2.29 3.49
N THR B 166 -21.16 -2.22 3.80
N THR B 166 -21.14 -2.51 3.70
CA THR B 166 -20.14 -2.55 2.84
CA THR B 166 -20.14 -2.40 2.63
C THR B 166 -20.48 -4.02 2.64
C THR B 166 -20.19 -3.42 1.47
N TYR B 167 -19.82 -4.67 1.74
CA TYR B 167 -20.31 -5.87 1.05
C TYR B 167 -21.86 -6.07 0.94
N GLY B 168 -22.33 -6.84 0.01
CA GLY B 168 -23.78 -6.83 -0.08
C GLY B 168 -24.51 -7.96 0.63
N MET B 169 -24.09 -8.36 1.83
CA MET B 169 -24.43 -9.72 2.28
C MET B 169 -24.76 -9.95 3.76
N THR B 170 -25.71 -10.87 3.99
CA THR B 170 -26.10 -11.27 5.33
C THR B 170 -26.01 -12.79 5.46
N PHE B 171 -25.10 -13.27 6.31
CA PHE B 171 -24.92 -14.70 6.50
C PHE B 171 -26.12 -15.37 7.16
N GLY B 172 -26.29 -16.66 6.88
CA GLY B 172 -27.38 -17.44 7.43
C GLY B 172 -27.36 -17.46 8.94
N GLY B 173 -26.18 -17.59 9.52
CA GLY B 173 -26.03 -17.45 10.96
C GLY B 173 -24.65 -16.93 11.28
N THR B 174 -24.48 -16.33 12.45
CA THR B 174 -23.18 -15.91 12.93
C THR B 174 -23.00 -16.49 14.32
N TYR B 175 -21.78 -16.96 14.60
CA TYR B 175 -21.49 -17.74 15.77
C TYR B 175 -20.21 -17.26 16.43
N PRO B 176 -20.35 -16.34 17.40
CA PRO B 176 -19.21 -15.84 18.19
C PRO B 176 -18.60 -16.97 19.01
N MET B 177 -17.27 -17.03 19.07
CA MET B 177 -16.60 -18.02 19.89
C MET B 177 -15.21 -17.48 20.18
N GLN B 178 -14.48 -18.15 21.08
CA GLN B 178 -13.07 -17.80 21.28
C GLN B 178 -12.36 -17.97 19.94
N ILE B 179 -11.61 -16.95 19.51
CA ILE B 179 -10.97 -16.93 18.19
C ILE B 179 -10.18 -18.21 17.93
N GLY B 180 -9.44 -18.68 18.92
CA GLY B 180 -8.73 -19.94 18.84
C GLY B 180 -9.51 -21.16 18.38
N LEU B 181 -10.83 -21.15 18.55
CA LEU B 181 -11.67 -22.31 18.18
C LEU B 181 -12.08 -22.34 16.71
N VAL B 182 -11.88 -21.24 15.99
CA VAL B 182 -12.48 -21.11 14.66
C VAL B 182 -11.82 -22.02 13.64
N TYR B 183 -10.55 -22.33 13.84
CA TYR B 183 -9.79 -23.07 12.84
C TYR B 183 -10.26 -24.52 12.75
N ASP B 184 -10.38 -25.19 13.90
CA ASP B 184 -10.97 -26.52 13.92
C ASP B 184 -12.46 -26.52 13.56
N ALA B 185 -13.16 -25.43 13.87
CA ALA B 185 -14.58 -25.34 13.52
C ALA B 185 -14.79 -25.37 12.00
N VAL B 186 -14.01 -24.59 11.24
CA VAL B 186 -14.13 -24.65 9.76
C VAL B 186 -13.59 -25.94 9.21
N LYS B 187 -12.44 -26.39 9.71
CA LYS B 187 -11.85 -27.64 9.22
C LYS B 187 -12.84 -28.80 9.30
N SER B 188 -13.55 -28.87 10.42
CA SER B 188 -14.47 -29.96 10.70
C SER B 188 -15.81 -29.82 9.98
N GLY B 189 -16.10 -28.62 9.49
CA GLY B 189 -17.33 -28.37 8.77
C GLY B 189 -18.46 -27.88 9.65
N LYS B 190 -18.18 -27.69 10.94
CA LYS B 190 -19.18 -27.11 11.84
C LYS B 190 -19.54 -25.68 11.43
N MET B 191 -18.54 -24.93 10.98
CA MET B 191 -18.75 -23.65 10.31
C MET B 191 -18.38 -23.78 8.82
N ASP B 192 -18.98 -22.94 7.98
CA ASP B 192 -18.70 -23.00 6.55
C ASP B 192 -17.60 -22.01 6.21
N ILE B 193 -17.52 -20.95 7.03
CA ILE B 193 -16.61 -19.83 6.83
C ILE B 193 -16.37 -19.16 8.19
N VAL B 194 -15.14 -18.69 8.42
CA VAL B 194 -14.78 -18.05 9.68
C VAL B 194 -13.96 -16.78 9.44
N LEU B 195 -14.08 -15.82 10.35
CA LEU B 195 -13.25 -14.62 10.26
C LEU B 195 -12.02 -14.87 11.12
N ALA B 196 -11.01 -15.45 10.49
CA ALA B 196 -9.76 -15.84 11.13
C ALA B 196 -8.85 -14.63 11.34
N TYR B 197 -7.76 -14.82 12.07
CA TYR B 197 -6.66 -13.86 12.12
C TYR B 197 -5.54 -14.40 11.23
N SER B 198 -4.98 -13.53 10.39
CA SER B 198 -4.12 -13.97 9.29
C SER B 198 -2.77 -14.59 9.70
N THR B 199 -2.35 -14.38 10.94
CA THR B 199 -1.07 -14.91 11.39
C THR B 199 -1.21 -16.25 12.11
N ASP B 200 -2.41 -16.81 12.13
CA ASP B 200 -2.58 -18.09 12.82
C ASP B 200 -1.97 -19.25 12.03
N GLY B 201 -1.16 -20.06 12.71
CA GLY B 201 -0.50 -21.19 12.08
C GLY B 201 -1.46 -22.23 11.53
N ARG B 202 -2.67 -22.29 12.06
CA ARG B 202 -3.59 -23.33 11.62
C ARG B 202 -4.14 -23.04 10.22
N ILE B 203 -4.00 -21.79 9.78
CA ILE B 203 -4.35 -21.48 8.39
C ILE B 203 -3.43 -22.25 7.45
N LYS B 204 -2.12 -22.24 7.71
CA LYS B 204 -1.21 -23.00 6.86
C LYS B 204 -1.30 -24.52 7.08
N SER B 205 -1.31 -24.95 8.33
CA SER B 205 -1.24 -26.40 8.61
C SER B 205 -2.51 -27.16 8.22
N TYR B 206 -3.65 -26.48 8.23
CA TYR B 206 -4.89 -27.12 7.79
C TYR B 206 -5.15 -26.85 6.29
N GLY B 207 -4.26 -26.08 5.66
CA GLY B 207 -4.41 -25.74 4.26
C GLY B 207 -5.68 -24.98 3.93
N LEU B 208 -6.12 -24.15 4.87
CA LEU B 208 -7.30 -23.31 4.65
C LEU B 208 -7.00 -22.21 3.66
N LYS B 209 -8.05 -21.67 3.06
CA LYS B 209 -7.90 -20.64 2.05
C LYS B 209 -8.46 -19.30 2.53
N MET B 210 -7.61 -18.27 2.63
CA MET B 210 -8.09 -16.93 3.01
C MET B 210 -8.59 -16.20 1.76
N LEU B 211 -9.75 -15.56 1.84
CA LEU B 211 -10.31 -14.87 0.69
C LEU B 211 -9.86 -13.41 0.68
N LYS B 212 -9.65 -12.86 -0.50
CA LYS B 212 -9.18 -11.49 -0.62
C LYS B 212 -10.29 -10.49 -0.30
N ASP B 213 -9.94 -9.52 0.53
CA ASP B 213 -10.79 -8.38 0.86
C ASP B 213 -10.79 -7.39 -0.33
N ASP B 214 -11.59 -7.73 -1.35
CA ASP B 214 -11.59 -6.98 -2.61
C ASP B 214 -12.05 -5.53 -2.48
N LYS B 215 -12.95 -5.24 -1.55
CA LYS B 215 -13.45 -3.87 -1.37
C LYS B 215 -12.61 -3.09 -0.37
N GLN B 216 -11.51 -3.70 0.08
CA GLN B 216 -10.61 -3.08 1.03
C GLN B 216 -11.37 -2.54 2.23
N PHE B 217 -12.25 -3.37 2.77
CA PHE B 217 -13.01 -3.04 3.97
C PHE B 217 -12.18 -2.93 5.24
N PHE B 218 -11.31 -3.89 5.50
CA PHE B 218 -10.56 -3.87 6.75
C PHE B 218 -9.39 -2.90 6.65
N PRO B 219 -9.07 -2.21 7.76
CA PRO B 219 -7.82 -1.44 7.79
C PRO B 219 -6.60 -2.36 7.65
N PRO B 220 -5.47 -1.82 7.19
CA PRO B 220 -4.20 -2.55 7.25
C PRO B 220 -3.77 -2.79 8.70
N TYR B 221 -3.06 -3.88 8.96
CA TYR B 221 -2.64 -4.21 10.32
C TYR B 221 -1.18 -4.64 10.37
N ASP B 222 -0.34 -3.93 9.65
CA ASP B 222 1.09 -4.19 9.71
C ASP B 222 1.65 -3.95 11.11
N CYS B 223 2.55 -4.83 11.55
CA CYS B 223 2.97 -4.85 12.95
C CYS B 223 4.38 -4.31 13.14
N SER B 224 4.58 -3.49 14.17
CA SER B 224 5.90 -2.89 14.44
C SER B 224 6.10 -2.77 15.94
N PRO B 225 7.37 -2.68 16.38
CA PRO B 225 7.63 -2.23 17.75
C PRO B 225 7.52 -0.70 17.85
N VAL B 226 7.16 -0.19 19.03
CA VAL B 226 7.06 1.25 19.21
C VAL B 226 7.81 1.61 20.49
N VAL B 227 8.68 2.63 20.42
CA VAL B 227 9.52 3.06 21.57
C VAL B 227 9.51 4.58 21.71
N PRO B 228 9.35 5.10 22.96
CA PRO B 228 9.49 6.53 23.23
C PRO B 228 10.86 7.08 22.81
N GLU B 229 10.90 8.29 22.25
CA GLU B 229 12.17 8.91 21.87
C GLU B 229 13.08 9.06 23.08
N LYS B 230 12.49 9.21 24.25
CA LYS B 230 13.27 9.39 25.47
C LYS B 230 14.03 8.11 25.77
N VAL B 231 13.35 6.97 25.66
CA VAL B 231 13.99 5.68 25.89
C VAL B 231 15.17 5.45 24.94
N LEU B 232 15.00 5.85 23.67
CA LEU B 232 16.07 5.68 22.69
C LEU B 232 17.28 6.59 22.97
N LYS B 233 16.99 7.78 23.47
CA LYS B 233 18.02 8.75 23.84
C LYS B 233 18.83 8.19 25.00
N GLU B 234 18.13 7.77 26.05
CA GLU B 234 18.76 7.19 27.24
C GLU B 234 19.57 5.93 26.96
N HIS B 235 19.21 5.20 25.91
CA HIS B 235 19.86 3.94 25.61
C HIS B 235 20.16 3.85 24.12
N PRO B 236 21.21 4.55 23.68
CA PRO B 236 21.49 4.73 22.24
C PRO B 236 21.81 3.45 21.48
N GLU B 237 22.15 2.37 22.17
CA GLU B 237 22.39 1.10 21.50
C GLU B 237 21.10 0.38 21.04
N LEU B 238 19.95 0.76 21.61
CA LEU B 238 18.68 0.10 21.30
C LEU B 238 18.31 0.17 19.82
N GLU B 239 18.53 1.32 19.19
CA GLU B 239 18.15 1.52 17.78
C GLU B 239 18.74 0.44 16.88
N GLY B 240 20.05 0.20 17.03
CA GLY B 240 20.74 -0.77 16.20
C GLY B 240 20.25 -2.19 16.40
N ILE B 241 19.91 -2.53 17.63
CA ILE B 241 19.36 -3.84 17.93
C ILE B 241 17.98 -4.02 17.29
N ILE B 242 17.08 -3.06 17.54
CA ILE B 242 15.72 -3.15 17.01
C ILE B 242 15.77 -3.27 15.47
N LYS B 243 16.65 -2.50 14.85
CA LYS B 243 16.76 -2.47 13.40
C LYS B 243 17.07 -3.87 12.83
N LYS B 244 17.77 -4.70 13.61
CA LYS B 244 18.10 -6.06 13.17
C LYS B 244 16.85 -6.91 12.86
N MET B 245 15.74 -6.60 13.51
CA MET B 245 14.53 -7.41 13.36
C MET B 245 13.61 -6.94 12.26
N LEU B 246 13.83 -5.73 11.77
CA LEU B 246 12.91 -5.09 10.85
C LEU B 246 12.92 -5.77 9.48
N GLY B 247 11.73 -6.09 8.96
CA GLY B 247 11.63 -6.80 7.70
C GLY B 247 11.98 -8.29 7.74
N LYS B 248 12.35 -8.80 8.91
CA LYS B 248 12.83 -10.18 9.04
C LYS B 248 11.73 -11.25 9.24
N ILE B 249 10.55 -10.81 9.66
CA ILE B 249 9.47 -11.75 9.97
C ILE B 249 8.27 -11.49 9.11
N ASP B 250 8.15 -12.24 8.01
CA ASP B 250 6.98 -12.13 7.15
C ASP B 250 5.81 -12.93 7.73
N THR B 251 4.66 -12.86 7.08
CA THR B 251 3.46 -13.52 7.60
C THR B 251 3.66 -15.02 7.75
N ALA B 252 4.30 -15.66 6.78
CA ALA B 252 4.56 -17.10 6.84
C ALA B 252 5.40 -17.49 8.06
N THR B 253 6.40 -16.67 8.37
CA THR B 253 7.25 -16.96 9.50
C THR B 253 6.47 -16.80 10.80
N MET B 254 5.67 -15.73 10.88
CA MET B 254 4.86 -15.48 12.08
C MET B 254 3.86 -16.62 12.32
N GLN B 255 3.28 -17.15 11.23
CA GLN B 255 2.35 -18.30 11.32
C GLN B 255 3.02 -19.53 11.92
N GLU B 256 4.24 -19.82 11.47
CA GLU B 256 5.02 -20.96 12.00
C GLU B 256 5.31 -20.78 13.49
N LEU B 257 5.81 -19.60 13.83
CA LEU B 257 6.12 -19.29 15.20
C LEU B 257 4.87 -19.40 16.08
N ASN B 258 3.76 -18.82 15.62
CA ASN B 258 2.52 -18.92 16.36
C ASN B 258 2.09 -20.36 16.56
N TYR B 259 2.27 -21.19 15.53
CA TYR B 259 1.80 -22.56 15.65
C TYR B 259 2.49 -23.35 16.77
N GLU B 260 3.76 -23.04 17.02
CA GLU B 260 4.52 -23.73 18.06
C GLU B 260 3.89 -23.51 19.44
N VAL B 261 3.32 -22.33 19.63
CA VAL B 261 2.64 -22.00 20.88
C VAL B 261 1.22 -22.56 20.87
N ASP B 262 0.44 -22.13 19.87
CA ASP B 262 -0.99 -22.43 19.77
C ASP B 262 -1.30 -23.91 19.54
N GLY B 263 -0.53 -24.56 18.67
CA GLY B 263 -0.81 -25.95 18.38
C GLY B 263 0.10 -26.88 19.15
N ASN B 264 1.36 -26.50 19.26
CA ASN B 264 2.32 -27.42 19.88
C ASN B 264 2.57 -27.18 21.38
N LEU B 265 1.91 -26.14 21.91
CA LEU B 265 1.83 -25.89 23.35
C LEU B 265 3.19 -25.56 23.99
N LYS B 266 4.11 -25.10 23.16
CA LYS B 266 5.41 -24.63 23.64
C LYS B 266 5.35 -23.19 24.19
N GLU B 267 6.28 -22.87 25.09
CA GLU B 267 6.38 -21.54 25.67
C GLU B 267 6.92 -20.53 24.64
N PRO B 268 6.32 -19.33 24.57
CA PRO B 268 6.82 -18.30 23.67
C PRO B 268 8.34 -18.08 23.79
N SER B 269 8.89 -18.09 25.01
CA SER B 269 10.31 -17.83 25.21
C SER B 269 11.19 -18.90 24.54
N VAL B 270 10.79 -20.16 24.66
CA VAL B 270 11.52 -21.26 24.01
C VAL B 270 11.43 -21.15 22.48
N VAL B 271 10.24 -20.83 22.00
CA VAL B 271 10.03 -20.66 20.57
C VAL B 271 10.86 -19.50 20.01
N ALA B 272 10.88 -18.38 20.75
CA ALA B 272 11.70 -17.23 20.40
C ALA B 272 13.18 -17.61 20.39
N LYS B 273 13.63 -18.28 21.45
CA LYS B 273 15.02 -18.71 21.52
C LYS B 273 15.45 -19.59 20.35
N GLU B 274 14.67 -20.62 20.04
CA GLU B 274 14.98 -21.49 18.91
C GLU B 274 15.15 -20.72 17.62
N TYR B 275 14.25 -19.76 17.41
CA TYR B 275 14.30 -18.97 16.19
C TYR B 275 15.57 -18.12 16.12
N LEU B 276 15.93 -17.49 17.24
CA LEU B 276 17.14 -16.68 17.31
C LEU B 276 18.40 -17.52 17.11
N GLU B 277 18.40 -18.72 17.69
CA GLU B 277 19.57 -19.60 17.60
C GLU B 277 19.76 -19.97 16.14
N LYS B 278 18.66 -20.35 15.50
CA LYS B 278 18.64 -20.68 14.08
C LYS B 278 19.23 -19.57 13.22
N HIS B 279 18.90 -18.32 13.52
CA HIS B 279 19.38 -17.20 12.71
C HIS B 279 20.52 -16.44 13.33
N ARG B 280 21.21 -17.06 14.27
CA ARG B 280 22.43 -16.51 14.84
C ARG B 280 22.22 -15.11 15.40
N TYR B 281 21.03 -14.87 15.96
CA TYR B 281 20.73 -13.59 16.60
C TYR B 281 20.94 -12.42 15.63
N PHE B 282 20.65 -12.66 14.36
CA PHE B 282 20.74 -11.63 13.34
C PHE B 282 22.09 -10.92 13.29
N GLU B 283 23.16 -11.70 13.40
CA GLU B 283 24.48 -11.17 13.13
C GLU B 283 24.98 -11.61 11.75
C4 1Y8 C . 4.66 12.98 -16.50
C5 1Y8 C . 5.44 11.87 -15.81
C6 1Y8 C . 3.01 10.50 -14.30
C7 1Y8 C . 4.07 13.37 -13.31
C8 1Y8 C . 5.84 10.75 -12.82
O6 1Y8 C . 3.26 12.66 -16.48
AS1 1Y8 C . 4.59 11.63 -14.07
C1 EDO D . -21.74 -6.50 -24.51
O1 EDO D . -20.96 -7.55 -23.94
C2 EDO D . -20.85 -5.56 -25.30
O2 EDO D . -19.78 -6.19 -25.99
C4 1Y8 E . -4.34 -6.54 15.69
C5 1Y8 E . -4.72 -7.98 15.37
C6 1Y8 E . -7.14 -6.61 13.76
C7 1Y8 E . -7.78 -8.10 16.48
C8 1Y8 E . -6.83 -9.76 13.87
O6 1Y8 E . -5.24 -6.08 16.69
AS1 1Y8 E . -6.62 -8.11 14.90
#